data_4FR3
#
_entry.id   4FR3
#
_cell.length_a   81.680
_cell.length_b   111.990
_cell.length_c   62.970
_cell.angle_alpha   90.00
_cell.angle_beta   90.00
_cell.angle_gamma   90.00
#
_symmetry.space_group_name_H-M   'C 2 2 21'
#
loop_
_entity.id
_entity.type
_entity.pdbx_description
1 polymer '14-3-3 protein sigma'
2 polymer 'TASK-3 peptide'
3 non-polymer '(4R,5R,6R,6aS,9S,9aE,10aR)-5-hydroxy-9-(methoxymethyl)-6,10a-dimethyl-3-(propan-2-yl)-1,2,4,5,6,6a,7,8,9,10a-decahydrodicyclopenta[a,d][8]annulen-4-yl alpha-D-glucopyranoside'
4 non-polymer 'MAGNESIUM ION'
5 water water
#
loop_
_entity_poly.entity_id
_entity_poly.type
_entity_poly.pdbx_seq_one_letter_code
_entity_poly.pdbx_strand_id
1 'polypeptide(L)'
;AMGSMERASLIQKAKLAEQAERYEDMAAFMKGAVEKGEELS(CSO)EERNLLSVAYKNVVGGQRAAWRVLSSIEQKSNEE
GSEEKPEVREYREKVETELQGVCDTVLGLLDSHLIKEAGDAESRVFYLKMKGDYYRYLAEVATGDDKKRIIDSARSAYQE
AMDISKKEMPPTNPIRLGLALNFSVFHYEIANSPEEAISLAKTTFDEAMADLHTLSEDSYKDSTLIMQLLRDNLTLWT
;
A
2 'polypeptide(L)' KRRK(SEP)V P
#
loop_
_chem_comp.id
_chem_comp.type
_chem_comp.name
_chem_comp.formula
0V4 D-saccharide '(4R,5R,6R,6aS,9S,9aE,10aR)-5-hydroxy-9-(methoxymethyl)-6,10a-dimethyl-3-(propan-2-yl)-1,2,4,5,6,6a,7,8,9,10a-decahydrodicyclopenta[a,d][8]annulen-4-yl alpha-D-glucopyranoside' 'C27 H44 O8'
MG non-polymer 'MAGNESIUM ION' 'Mg 2'
#
# COMPACT_ATOMS: atom_id res chain seq x y z
N ALA A 1 -18.28 -12.56 -8.40
CA ALA A 1 -19.60 -12.64 -9.13
C ALA A 1 -19.68 -11.64 -10.30
N MET A 2 -18.55 -11.30 -10.91
CA MET A 2 -18.48 -10.21 -11.91
C MET A 2 -18.10 -10.79 -13.28
N GLY A 3 -18.07 -12.13 -13.32
CA GLY A 3 -17.63 -12.90 -14.48
C GLY A 3 -18.48 -12.64 -15.75
N SER A 4 -19.75 -12.24 -15.59
CA SER A 4 -20.56 -12.03 -16.79
C SER A 4 -20.46 -10.57 -17.34
N MET A 5 -19.85 -9.60 -16.58
CA MET A 5 -19.77 -8.22 -17.08
C MET A 5 -18.53 -8.02 -17.92
N GLU A 6 -18.64 -7.21 -18.95
CA GLU A 6 -17.49 -6.81 -19.78
C GLU A 6 -16.42 -6.13 -18.93
N ARG A 7 -15.16 -6.41 -19.27
CA ARG A 7 -14.02 -5.72 -18.60
C ARG A 7 -14.22 -4.20 -18.61
N ALA A 8 -14.57 -3.61 -19.78
CA ALA A 8 -14.67 -2.14 -19.87
C ALA A 8 -15.81 -1.60 -18.98
N SER A 9 -16.90 -2.36 -18.90
CA SER A 9 -18.01 -1.98 -18.00
C SER A 9 -17.58 -2.03 -16.55
N LEU A 10 -16.83 -3.06 -16.14
CA LEU A 10 -16.33 -3.11 -14.77
C LEU A 10 -15.47 -1.87 -14.44
N ILE A 11 -14.61 -1.50 -15.37
CA ILE A 11 -13.74 -0.32 -15.12
C ILE A 11 -14.58 0.95 -15.01
N GLN A 12 -15.51 1.11 -15.97
CA GLN A 12 -16.38 2.26 -15.91
C GLN A 12 -17.23 2.33 -14.58
N LYS A 13 -17.75 1.17 -14.14
CA LYS A 13 -18.47 1.09 -12.86
C LYS A 13 -17.54 1.39 -11.65
N ALA A 14 -16.27 0.96 -11.71
CA ALA A 14 -15.33 1.28 -10.63
C ALA A 14 -15.19 2.84 -10.55
N LYS A 15 -15.12 3.50 -11.71
CA LYS A 15 -14.99 4.99 -11.73
C LYS A 15 -16.24 5.63 -11.13
N LEU A 16 -17.39 5.10 -11.50
CA LEU A 16 -18.69 5.58 -10.95
C LEU A 16 -18.75 5.38 -9.41
N ALA A 17 -18.40 4.18 -8.97
CA ALA A 17 -18.35 3.87 -7.52
C ALA A 17 -17.42 4.80 -6.79
N GLU A 18 -16.26 5.11 -7.36
CA GLU A 18 -15.32 6.10 -6.77
C GLU A 18 -16.01 7.50 -6.55
N GLN A 19 -16.70 7.99 -7.59
CA GLN A 19 -17.41 9.29 -7.53
C GLN A 19 -18.48 9.22 -6.45
N ALA A 20 -19.09 8.05 -6.26
CA ALA A 20 -20.16 7.89 -5.30
C ALA A 20 -19.64 7.51 -3.88
N GLU A 21 -18.32 7.40 -3.76
CA GLU A 21 -17.63 6.96 -2.51
C GLU A 21 -18.16 5.64 -2.00
N ARG A 22 -18.39 4.72 -2.94
CA ARG A 22 -18.81 3.38 -2.62
C ARG A 22 -17.59 2.48 -2.83
N TYR A 23 -16.68 2.46 -1.84
CA TYR A 23 -15.40 1.84 -2.14
C TYR A 23 -15.43 0.33 -2.14
N GLU A 24 -16.28 -0.30 -1.34
CA GLU A 24 -16.40 -1.79 -1.45
CA GLU A 24 -16.44 -1.74 -1.41
C GLU A 24 -16.87 -2.17 -2.84
N ASP A 25 -17.88 -1.48 -3.38
CA ASP A 25 -18.29 -1.74 -4.76
C ASP A 25 -17.08 -1.50 -5.73
N MET A 26 -16.45 -0.34 -5.57
CA MET A 26 -15.27 -0.03 -6.42
C MET A 26 -14.25 -1.19 -6.39
N ALA A 27 -13.99 -1.77 -5.19
CA ALA A 27 -12.98 -2.83 -5.07
C ALA A 27 -13.48 -4.10 -5.73
N ALA A 28 -14.77 -4.39 -5.59
CA ALA A 28 -15.32 -5.59 -6.24
C ALA A 28 -15.33 -5.49 -7.79
N PHE A 29 -15.63 -4.29 -8.32
CA PHE A 29 -15.54 -4.04 -9.76
C PHE A 29 -14.07 -4.24 -10.24
N MET A 30 -13.11 -3.66 -9.52
CA MET A 30 -11.68 -3.81 -9.88
C MET A 30 -11.14 -5.25 -9.76
N LYS A 31 -11.59 -6.00 -8.75
CA LYS A 31 -11.22 -7.42 -8.61
C LYS A 31 -11.72 -8.15 -9.90
N GLY A 32 -12.98 -7.86 -10.26
CA GLY A 32 -13.58 -8.52 -11.44
C GLY A 32 -12.79 -8.13 -12.70
N ALA A 33 -12.39 -6.85 -12.83
CA ALA A 33 -11.52 -6.46 -13.97
C ALA A 33 -10.18 -7.21 -13.99
N VAL A 34 -9.50 -7.26 -12.83
CA VAL A 34 -8.23 -8.02 -12.78
C VAL A 34 -8.44 -9.50 -13.20
N GLU A 35 -9.53 -10.13 -12.76
CA GLU A 35 -9.78 -11.54 -13.00
C GLU A 35 -10.09 -11.81 -14.47
N LYS A 36 -10.30 -10.75 -15.26
CA LYS A 36 -10.37 -10.92 -16.72
C LYS A 36 -9.07 -11.39 -17.36
N GLY A 37 -7.93 -11.21 -16.67
CA GLY A 37 -6.71 -11.91 -17.04
C GLY A 37 -5.84 -10.98 -17.90
N GLU A 38 -6.36 -9.84 -18.34
CA GLU A 38 -5.55 -8.86 -19.10
CA GLU A 38 -5.52 -8.90 -19.08
C GLU A 38 -4.68 -7.94 -18.11
N GLU A 39 -3.53 -7.44 -18.57
CA GLU A 39 -2.65 -6.60 -17.69
C GLU A 39 -3.43 -5.27 -17.48
N LEU A 40 -3.18 -4.56 -16.38
CA LEU A 40 -3.91 -3.26 -16.17
C LEU A 40 -3.04 -2.15 -16.75
N SER A 41 -3.70 -1.14 -17.24
CA SER A 41 -3.01 0.11 -17.57
C SER A 41 -2.64 0.93 -16.34
N CSO A 42 -1.89 2.01 -16.53
CA CSO A 42 -1.58 2.94 -15.41
CB CSO A 42 -0.74 4.20 -15.98
SG CSO A 42 -0.35 5.34 -14.67
C CSO A 42 -2.88 3.41 -14.66
O CSO A 42 -2.95 3.34 -13.40
OD CSO A 42 -1.68 6.62 -14.67
N GLU A 43 -3.83 3.96 -15.37
CA GLU A 43 -5.06 4.46 -14.76
C GLU A 43 -5.81 3.33 -14.03
N GLU A 44 -5.86 2.12 -14.62
CA GLU A 44 -6.57 0.99 -13.96
C GLU A 44 -5.85 0.51 -12.69
N ARG A 45 -4.54 0.52 -12.67
CA ARG A 45 -3.79 0.12 -11.45
CA ARG A 45 -3.76 0.14 -11.47
C ARG A 45 -4.11 1.14 -10.38
N ASN A 46 -4.17 2.42 -10.76
CA ASN A 46 -4.53 3.46 -9.76
C ASN A 46 -5.91 3.17 -9.17
N LEU A 47 -6.89 2.80 -10.02
CA LEU A 47 -8.24 2.53 -9.52
C LEU A 47 -8.25 1.37 -8.54
N LEU A 48 -7.51 0.34 -8.87
CA LEU A 48 -7.49 -0.91 -8.05
C LEU A 48 -6.93 -0.52 -6.67
N SER A 49 -5.85 0.28 -6.68
CA SER A 49 -5.13 0.59 -5.45
C SER A 49 -5.96 1.52 -4.58
N VAL A 50 -6.66 2.46 -5.19
CA VAL A 50 -7.53 3.42 -4.42
C VAL A 50 -8.71 2.67 -3.76
N ALA A 51 -9.27 1.73 -4.50
CA ALA A 51 -10.49 1.00 -4.02
C ALA A 51 -10.07 0.24 -2.74
N TYR A 52 -9.09 -0.63 -2.84
CA TYR A 52 -8.69 -1.46 -1.67
C TYR A 52 -8.06 -0.62 -0.52
N LYS A 53 -7.36 0.45 -0.86
CA LYS A 53 -6.73 1.28 0.18
C LYS A 53 -7.83 1.90 0.99
N ASN A 54 -8.89 2.37 0.31
CA ASN A 54 -10.03 2.89 1.06
C ASN A 54 -10.80 1.84 1.91
N VAL A 55 -11.03 0.68 1.34
CA VAL A 55 -11.70 -0.40 2.07
C VAL A 55 -10.90 -0.78 3.31
N VAL A 56 -9.63 -1.13 3.12
CA VAL A 56 -8.81 -1.55 4.27
CA VAL A 56 -8.84 -1.52 4.31
C VAL A 56 -8.56 -0.38 5.23
N GLY A 57 -8.53 0.82 4.67
CA GLY A 57 -8.33 2.02 5.52
C GLY A 57 -9.46 2.14 6.55
N GLY A 58 -10.70 1.93 6.10
CA GLY A 58 -11.88 1.87 7.00
C GLY A 58 -11.75 0.71 8.06
N GLN A 59 -11.41 -0.51 7.64
CA GLN A 59 -11.27 -1.60 8.57
C GLN A 59 -10.19 -1.32 9.61
N ARG A 60 -9.05 -0.73 9.16
CA ARG A 60 -7.93 -0.51 10.09
C ARG A 60 -8.31 0.57 11.12
N ALA A 61 -9.01 1.61 10.68
CA ALA A 61 -9.45 2.71 11.54
C ALA A 61 -10.40 2.08 12.60
N ALA A 62 -11.38 1.30 12.11
CA ALA A 62 -12.26 0.62 13.11
C ALA A 62 -11.48 -0.33 14.08
N TRP A 63 -10.56 -1.16 13.57
CA TRP A 63 -9.78 -2.02 14.39
C TRP A 63 -9.00 -1.24 15.46
N ARG A 64 -8.46 -0.06 15.12
CA ARG A 64 -7.74 0.72 16.11
C ARG A 64 -8.64 1.24 17.24
N VAL A 65 -9.83 1.72 16.85
CA VAL A 65 -10.84 2.16 17.83
C VAL A 65 -11.18 0.99 18.76
N LEU A 66 -11.45 -0.22 18.23
CA LEU A 66 -11.84 -1.37 19.07
C LEU A 66 -10.67 -1.88 19.92
N SER A 67 -9.46 -1.87 19.34
CA SER A 67 -8.27 -2.26 20.07
CA SER A 67 -8.30 -2.28 20.09
C SER A 67 -8.02 -1.36 21.26
N SER A 68 -8.23 -0.08 21.04
CA SER A 68 -8.07 0.91 22.06
C SER A 68 -9.13 0.73 23.20
N ILE A 69 -10.40 0.71 22.82
CA ILE A 69 -11.45 0.28 23.78
C ILE A 69 -11.06 -1.02 24.56
N GLU A 70 -10.56 -2.05 23.87
CA GLU A 70 -10.27 -3.37 24.48
C GLU A 70 -9.15 -3.26 25.52
N GLN A 71 -8.04 -2.61 25.12
CA GLN A 71 -6.93 -2.29 26.04
C GLN A 71 -7.42 -1.64 27.32
N LYS A 72 -8.15 -0.54 27.23
CA LYS A 72 -8.81 -0.02 28.44
C LYS A 72 -9.58 -1.12 29.25
N SER A 73 -10.30 -2.03 28.57
CA SER A 73 -11.07 -3.12 29.27
C SER A 73 -10.27 -4.15 30.06
N ASN A 74 -8.95 -4.27 29.83
CA ASN A 74 -8.10 -5.21 30.62
C ASN A 74 -7.49 -4.59 31.90
N LYS A 81 -17.11 -7.61 29.69
CA LYS A 81 -17.28 -8.96 29.10
C LYS A 81 -16.46 -9.26 27.81
N PRO A 82 -16.82 -10.36 27.13
CA PRO A 82 -16.10 -10.76 25.92
C PRO A 82 -16.42 -9.89 24.63
N GLU A 83 -17.36 -8.93 24.71
CA GLU A 83 -17.90 -8.39 23.48
C GLU A 83 -16.86 -7.58 22.67
N VAL A 84 -16.08 -6.71 23.32
CA VAL A 84 -15.13 -5.91 22.54
CA VAL A 84 -15.08 -5.89 22.61
C VAL A 84 -14.09 -6.80 21.90
N ARG A 85 -13.57 -7.80 22.63
CA ARG A 85 -12.60 -8.72 22.05
C ARG A 85 -13.23 -9.48 20.91
N GLU A 86 -14.46 -9.97 21.07
CA GLU A 86 -15.04 -10.72 20.00
C GLU A 86 -15.26 -9.83 18.74
N TYR A 87 -15.72 -8.64 18.96
CA TYR A 87 -16.02 -7.72 17.84
C TYR A 87 -14.72 -7.21 17.14
N ARG A 88 -13.65 -7.00 17.93
CA ARG A 88 -12.38 -6.65 17.37
C ARG A 88 -11.88 -7.83 16.54
N GLU A 89 -12.08 -9.05 17.05
CA GLU A 89 -11.73 -10.24 16.28
C GLU A 89 -12.45 -10.36 14.94
N LYS A 90 -13.76 -10.07 14.93
CA LYS A 90 -14.60 -10.12 13.72
C LYS A 90 -14.02 -9.10 12.72
N VAL A 91 -13.78 -7.87 13.16
CA VAL A 91 -13.24 -6.85 12.24
C VAL A 91 -11.87 -7.30 11.78
N GLU A 92 -11.04 -7.79 12.72
CA GLU A 92 -9.77 -8.32 12.32
C GLU A 92 -9.79 -9.43 11.24
N THR A 93 -10.72 -10.40 11.35
CA THR A 93 -10.88 -11.44 10.36
CA THR A 93 -10.73 -11.41 10.31
C THR A 93 -11.26 -10.86 8.99
N GLU A 94 -12.14 -9.86 9.01
CA GLU A 94 -12.61 -9.20 7.80
CA GLU A 94 -12.59 -9.25 7.78
C GLU A 94 -11.45 -8.47 7.10
N LEU A 95 -10.66 -7.76 7.89
CA LEU A 95 -9.51 -7.04 7.34
CA LEU A 95 -9.47 -7.05 7.37
C LEU A 95 -8.51 -8.07 6.77
N GLN A 96 -8.27 -9.13 7.53
CA GLN A 96 -7.39 -10.20 7.03
C GLN A 96 -7.88 -10.78 5.70
N GLY A 97 -9.20 -10.95 5.55
CA GLY A 97 -9.69 -11.51 4.30
C GLY A 97 -9.50 -10.53 3.15
N VAL A 98 -9.65 -9.24 3.42
CA VAL A 98 -9.39 -8.24 2.36
C VAL A 98 -7.88 -8.26 1.93
N CYS A 99 -6.96 -8.29 2.91
CA CYS A 99 -5.56 -8.33 2.59
C CYS A 99 -5.26 -9.63 1.81
N ASP A 100 -5.83 -10.76 2.26
CA ASP A 100 -5.64 -12.02 1.49
C ASP A 100 -6.14 -11.91 0.07
N THR A 101 -7.27 -11.23 -0.14
CA THR A 101 -7.85 -11.10 -1.49
C THR A 101 -6.88 -10.30 -2.42
N VAL A 102 -6.38 -9.20 -1.87
CA VAL A 102 -5.46 -8.31 -2.63
C VAL A 102 -4.17 -9.09 -2.92
N LEU A 103 -3.62 -9.74 -1.90
CA LEU A 103 -2.41 -10.52 -2.10
C LEU A 103 -2.57 -11.66 -3.11
N GLY A 104 -3.75 -12.27 -3.11
CA GLY A 104 -4.06 -13.31 -4.12
C GLY A 104 -4.13 -12.72 -5.52
N LEU A 105 -4.68 -11.50 -5.68
CA LEU A 105 -4.74 -10.89 -7.00
C LEU A 105 -3.32 -10.62 -7.48
N LEU A 106 -2.50 -10.08 -6.58
CA LEU A 106 -1.08 -9.72 -6.94
C LEU A 106 -0.33 -11.00 -7.32
N ASP A 107 -0.57 -12.07 -6.59
CA ASP A 107 0.11 -13.36 -6.83
CA ASP A 107 0.21 -13.27 -6.88
C ASP A 107 -0.42 -14.15 -8.01
N SER A 108 -1.70 -13.94 -8.36
CA SER A 108 -2.39 -14.64 -9.44
CA SER A 108 -2.36 -14.63 -9.47
C SER A 108 -3.17 -13.67 -10.40
N HIS A 109 -2.51 -12.91 -11.26
CA HIS A 109 -1.13 -13.10 -11.63
C HIS A 109 -0.56 -11.73 -12.07
N LEU A 110 -1.00 -10.65 -11.37
CA LEU A 110 -0.53 -9.29 -11.65
C LEU A 110 1.00 -9.20 -11.61
N ILE A 111 1.63 -9.64 -10.53
CA ILE A 111 3.08 -9.48 -10.44
C ILE A 111 3.86 -10.29 -11.51
N LYS A 112 3.49 -11.56 -11.74
CA LYS A 112 4.22 -12.44 -12.65
C LYS A 112 4.21 -11.84 -14.06
N GLU A 113 3.11 -11.18 -14.44
CA GLU A 113 3.00 -10.64 -15.78
C GLU A 113 3.54 -9.19 -15.96
N ALA A 114 3.92 -8.55 -14.85
CA ALA A 114 4.33 -7.15 -14.84
C ALA A 114 5.81 -7.04 -15.19
N GLY A 115 6.07 -6.62 -16.43
CA GLY A 115 7.46 -6.51 -16.94
C GLY A 115 8.05 -5.10 -16.94
N ASP A 116 7.22 -4.07 -16.98
CA ASP A 116 7.70 -2.70 -16.92
C ASP A 116 7.93 -2.31 -15.52
N ALA A 117 8.96 -1.48 -15.30
CA ALA A 117 9.24 -0.95 -13.95
C ALA A 117 8.06 -0.33 -13.25
N GLU A 118 7.31 0.56 -13.90
CA GLU A 118 6.17 1.25 -13.24
CA GLU A 118 6.20 1.24 -13.22
C GLU A 118 5.07 0.25 -12.81
N SER A 119 4.82 -0.78 -13.59
CA SER A 119 3.82 -1.79 -13.12
CA SER A 119 3.83 -1.79 -13.15
C SER A 119 4.41 -2.68 -12.04
N ARG A 120 5.64 -3.20 -12.23
CA ARG A 120 6.17 -4.12 -11.28
C ARG A 120 6.42 -3.52 -9.89
N VAL A 121 6.96 -2.29 -9.88
CA VAL A 121 7.21 -1.61 -8.60
C VAL A 121 5.86 -1.28 -7.91
N PHE A 122 4.88 -0.81 -8.70
CA PHE A 122 3.52 -0.53 -8.16
C PHE A 122 2.94 -1.73 -7.47
N TYR A 123 2.97 -2.90 -8.14
CA TYR A 123 2.38 -4.12 -7.53
C TYR A 123 3.19 -4.60 -6.32
N LEU A 124 4.53 -4.50 -6.41
CA LEU A 124 5.36 -4.91 -5.28
C LEU A 124 5.15 -3.98 -4.07
N LYS A 125 5.03 -2.68 -4.30
CA LYS A 125 4.62 -1.80 -3.20
C LYS A 125 3.29 -2.26 -2.55
N MET A 126 2.28 -2.51 -3.40
CA MET A 126 0.97 -3.00 -2.84
C MET A 126 1.21 -4.29 -2.06
N LYS A 127 2.01 -5.21 -2.58
CA LYS A 127 2.25 -6.48 -1.83
C LYS A 127 2.86 -6.16 -0.43
N GLY A 128 3.83 -5.23 -0.42
CA GLY A 128 4.42 -4.83 0.87
C GLY A 128 3.38 -4.21 1.80
N ASP A 129 2.54 -3.31 1.23
CA ASP A 129 1.46 -2.63 2.03
C ASP A 129 0.49 -3.63 2.69
N TYR A 130 0.03 -4.61 1.91
CA TYR A 130 -1.01 -5.53 2.41
C TYR A 130 -0.42 -6.54 3.41
N TYR A 131 0.84 -6.97 3.24
CA TYR A 131 1.47 -7.71 4.35
C TYR A 131 1.69 -6.81 5.55
N ARG A 132 2.08 -5.54 5.33
CA ARG A 132 2.16 -4.62 6.47
C ARG A 132 0.84 -4.47 7.25
N TYR A 133 -0.30 -4.36 6.54
CA TYR A 133 -1.59 -4.37 7.26
C TYR A 133 -1.84 -5.66 8.01
N LEU A 134 -1.48 -6.80 7.44
CA LEU A 134 -1.56 -8.05 8.17
C LEU A 134 -0.65 -7.97 9.41
N ALA A 135 0.53 -7.37 9.25
CA ALA A 135 1.47 -7.32 10.42
C ALA A 135 0.95 -6.41 11.53
N GLU A 136 0.15 -5.39 11.18
CA GLU A 136 -0.42 -4.49 12.18
C GLU A 136 -1.27 -5.23 13.23
N VAL A 137 -1.89 -6.34 12.81
CA VAL A 137 -2.81 -7.08 13.66
C VAL A 137 -2.25 -8.47 14.13
N ALA A 138 -1.09 -8.85 13.63
CA ALA A 138 -0.61 -10.22 13.79
C ALA A 138 -0.03 -10.37 15.19
N THR A 139 -0.24 -11.54 15.79
CA THR A 139 0.34 -11.90 17.13
C THR A 139 0.94 -13.35 17.14
N GLY A 140 0.59 -14.16 16.14
CA GLY A 140 0.91 -15.60 16.15
C GLY A 140 2.35 -16.01 15.92
N ASP A 141 2.48 -17.33 15.74
CA ASP A 141 3.69 -18.01 15.25
C ASP A 141 4.20 -17.41 13.92
N ASP A 142 3.39 -16.59 13.29
CA ASP A 142 3.72 -16.11 11.98
C ASP A 142 3.72 -14.57 11.82
N LYS A 143 3.65 -13.84 12.93
CA LYS A 143 3.95 -12.43 12.89
C LYS A 143 5.31 -12.16 12.21
N LYS A 144 6.32 -13.00 12.50
CA LYS A 144 7.64 -12.69 12.00
CA LYS A 144 7.65 -12.74 12.02
C LYS A 144 7.70 -12.98 10.54
N ARG A 145 7.02 -14.02 10.08
CA ARG A 145 7.09 -14.32 8.65
C ARG A 145 6.26 -13.31 7.87
N ILE A 146 5.21 -12.81 8.48
CA ILE A 146 4.40 -11.79 7.76
C ILE A 146 5.26 -10.50 7.60
N ILE A 147 5.90 -10.06 8.69
CA ILE A 147 6.83 -8.92 8.65
C ILE A 147 7.91 -9.10 7.61
N ASP A 148 8.50 -10.30 7.55
CA ASP A 148 9.51 -10.66 6.58
CA ASP A 148 9.54 -10.45 6.58
C ASP A 148 9.01 -10.51 5.15
N SER A 149 7.77 -10.96 4.94
CA SER A 149 7.15 -10.92 3.60
C SER A 149 6.96 -9.45 3.16
N ALA A 150 6.49 -8.59 4.09
CA ALA A 150 6.37 -7.15 3.78
C ALA A 150 7.78 -6.63 3.39
N ARG A 151 8.78 -6.85 4.26
CA ARG A 151 10.13 -6.31 3.99
CA ARG A 151 10.14 -6.32 3.99
CA ARG A 151 10.14 -6.34 4.00
C ARG A 151 10.66 -6.75 2.61
N SER A 152 10.51 -8.03 2.29
CA SER A 152 11.00 -8.61 1.04
CA SER A 152 11.05 -8.59 1.05
C SER A 152 10.35 -8.01 -0.18
N ALA A 153 9.01 -7.82 -0.12
CA ALA A 153 8.30 -7.16 -1.23
C ALA A 153 8.78 -5.69 -1.39
N TYR A 154 8.86 -4.92 -0.30
CA TYR A 154 9.26 -3.54 -0.39
C TYR A 154 10.73 -3.46 -0.90
N GLN A 155 11.54 -4.43 -0.46
CA GLN A 155 12.99 -4.41 -0.85
C GLN A 155 13.13 -4.65 -2.33
N GLU A 156 12.43 -5.66 -2.86
CA GLU A 156 12.44 -5.90 -4.30
CA GLU A 156 12.47 -5.90 -4.31
C GLU A 156 11.92 -4.69 -5.10
N ALA A 157 10.86 -4.06 -4.61
CA ALA A 157 10.38 -2.85 -5.24
C ALA A 157 11.43 -1.73 -5.20
N MET A 158 12.09 -1.53 -4.06
CA MET A 158 13.11 -0.51 -3.95
C MET A 158 14.24 -0.81 -4.93
N ASP A 159 14.68 -2.06 -5.01
CA ASP A 159 15.86 -2.37 -5.86
C ASP A 159 15.53 -2.01 -7.35
N ILE A 160 14.34 -2.43 -7.82
CA ILE A 160 13.91 -2.08 -9.17
C ILE A 160 13.78 -0.57 -9.35
N SER A 161 13.15 0.14 -8.39
CA SER A 161 12.91 1.55 -8.61
CA SER A 161 12.93 1.57 -8.49
C SER A 161 14.23 2.33 -8.69
N LYS A 162 15.21 1.92 -7.91
N LYS A 162 15.11 2.00 -7.70
CA LYS A 162 16.44 2.70 -7.94
CA LYS A 162 16.58 2.31 -7.64
C LYS A 162 17.16 2.45 -9.27
C LYS A 162 17.29 2.29 -9.03
N LYS A 163 17.00 1.28 -9.85
CA LYS A 163 17.61 0.99 -11.15
C LYS A 163 16.83 1.65 -12.30
N GLU A 164 15.49 1.69 -12.21
CA GLU A 164 14.68 1.99 -13.40
C GLU A 164 13.91 3.27 -13.39
N MET A 165 13.82 3.95 -12.28
CA MET A 165 12.93 5.10 -12.25
CA MET A 165 12.90 5.10 -12.18
C MET A 165 13.68 6.28 -11.69
N PRO A 166 13.32 7.51 -12.13
CA PRO A 166 13.96 8.67 -11.54
C PRO A 166 13.56 8.80 -10.08
N PRO A 167 14.38 9.51 -9.30
CA PRO A 167 14.14 9.71 -7.88
C PRO A 167 12.89 10.52 -7.57
N THR A 168 12.32 11.25 -8.55
CA THR A 168 11.12 12.01 -8.32
C THR A 168 9.84 11.21 -8.70
N ASN A 169 10.02 10.01 -9.22
CA ASN A 169 8.84 9.23 -9.77
C ASN A 169 7.85 9.02 -8.57
N PRO A 170 6.56 9.39 -8.72
CA PRO A 170 5.64 9.32 -7.55
C PRO A 170 5.52 7.93 -6.97
N ILE A 171 5.62 6.89 -7.79
CA ILE A 171 5.51 5.51 -7.24
C ILE A 171 6.74 5.18 -6.43
N ARG A 172 7.92 5.58 -6.93
CA ARG A 172 9.15 5.40 -6.12
C ARG A 172 9.08 6.18 -4.83
N LEU A 173 8.60 7.42 -4.86
CA LEU A 173 8.45 8.22 -3.65
C LEU A 173 7.48 7.59 -2.62
N GLY A 174 6.34 7.14 -3.13
CA GLY A 174 5.31 6.54 -2.21
C GLY A 174 5.81 5.25 -1.60
N LEU A 175 6.50 4.48 -2.43
CA LEU A 175 7.15 3.27 -1.95
C LEU A 175 8.08 3.52 -0.77
N ALA A 176 8.89 4.54 -0.95
CA ALA A 176 9.85 4.83 0.15
C ALA A 176 9.16 5.37 1.35
N LEU A 177 8.14 6.22 1.13
CA LEU A 177 7.36 6.73 2.26
C LEU A 177 6.82 5.52 3.11
N ASN A 178 6.19 4.56 2.44
CA ASN A 178 5.59 3.45 3.18
C ASN A 178 6.60 2.48 3.75
N PHE A 179 7.66 2.21 3.00
CA PHE A 179 8.72 1.34 3.52
C PHE A 179 9.34 1.95 4.77
N SER A 180 9.47 3.27 4.78
CA SER A 180 10.01 3.98 5.99
C SER A 180 9.02 3.86 7.16
N VAL A 181 7.72 3.98 6.87
CA VAL A 181 6.71 3.73 7.94
C VAL A 181 6.79 2.27 8.45
N PHE A 182 6.98 1.33 7.54
CA PHE A 182 7.19 -0.06 7.94
C PHE A 182 8.39 -0.13 8.90
N HIS A 183 9.52 0.46 8.51
CA HIS A 183 10.71 0.38 9.40
C HIS A 183 10.37 0.94 10.78
N TYR A 184 9.67 2.07 10.78
CA TYR A 184 9.49 2.79 12.02
C TYR A 184 8.58 1.99 12.96
N GLU A 185 7.43 1.53 12.43
CA GLU A 185 6.41 1.08 13.45
C GLU A 185 6.11 -0.41 13.39
N ILE A 186 6.62 -1.11 12.38
CA ILE A 186 6.45 -2.55 12.30
C ILE A 186 7.76 -3.20 12.69
N ALA A 187 8.90 -2.74 12.10
CA ALA A 187 10.21 -3.39 12.38
C ALA A 187 10.93 -2.80 13.59
N ASN A 188 10.36 -1.79 14.22
CA ASN A 188 10.99 -1.09 15.37
C ASN A 188 12.41 -0.60 15.06
N SER A 189 12.59 -0.07 13.83
CA SER A 189 13.90 0.46 13.37
C SER A 189 13.70 1.93 13.02
N PRO A 190 13.53 2.80 14.03
CA PRO A 190 13.27 4.19 13.71
C PRO A 190 14.44 4.87 12.99
N GLU A 191 15.68 4.48 13.31
CA GLU A 191 16.79 5.09 12.60
C GLU A 191 16.77 4.75 11.11
N GLU A 192 16.47 3.50 10.77
CA GLU A 192 16.38 3.17 9.36
C GLU A 192 15.21 3.92 8.65
N ALA A 193 14.09 4.05 9.35
CA ALA A 193 12.89 4.81 8.85
C ALA A 193 13.29 6.26 8.51
N ILE A 194 14.00 6.89 9.44
CA ILE A 194 14.45 8.30 9.23
C ILE A 194 15.45 8.46 8.10
N SER A 195 16.45 7.57 8.07
CA SER A 195 17.48 7.64 7.04
CA SER A 195 17.48 7.58 7.04
C SER A 195 16.81 7.39 5.68
N LEU A 196 15.90 6.45 5.61
CA LEU A 196 15.29 6.22 4.32
C LEU A 196 14.49 7.46 3.87
N ALA A 197 13.70 8.03 4.77
CA ALA A 197 12.83 9.17 4.38
C ALA A 197 13.72 10.41 4.03
N LYS A 198 14.82 10.62 4.78
CA LYS A 198 15.72 11.78 4.48
CA LYS A 198 15.74 11.77 4.48
C LYS A 198 16.41 11.64 3.13
N THR A 199 17.02 10.48 2.90
CA THR A 199 17.71 10.20 1.64
CA THR A 199 17.72 10.24 1.64
C THR A 199 16.76 10.30 0.42
N THR A 200 15.56 9.78 0.60
CA THR A 200 14.58 9.84 -0.49
C THR A 200 14.22 11.26 -0.79
N PHE A 201 13.98 12.00 0.28
CA PHE A 201 13.56 13.37 0.09
C PHE A 201 14.67 14.16 -0.65
N ASP A 202 15.90 13.99 -0.17
CA ASP A 202 17.05 14.76 -0.68
C ASP A 202 17.36 14.39 -2.11
N GLU A 203 17.29 13.09 -2.47
CA GLU A 203 17.56 12.72 -3.82
CA GLU A 203 17.57 12.71 -3.84
C GLU A 203 16.45 13.25 -4.76
N ALA A 204 15.21 13.30 -4.26
CA ALA A 204 14.13 13.88 -5.11
C ALA A 204 14.31 15.41 -5.30
N MET A 205 14.59 16.16 -4.23
CA MET A 205 14.87 17.60 -4.35
CA MET A 205 14.87 17.59 -4.37
C MET A 205 15.85 17.92 -5.51
N ALA A 206 16.96 17.20 -5.61
CA ALA A 206 18.01 17.40 -6.60
C ALA A 206 17.62 17.04 -8.02
N ASP A 207 16.46 16.38 -8.19
CA ASP A 207 15.93 15.99 -9.49
C ASP A 207 14.67 16.80 -9.93
N LEU A 208 14.15 17.64 -9.05
CA LEU A 208 12.96 18.46 -9.39
C LEU A 208 13.15 19.29 -10.66
N HIS A 209 14.41 19.73 -10.87
CA HIS A 209 14.67 20.68 -11.98
C HIS A 209 14.32 20.05 -13.34
N THR A 210 14.33 18.73 -13.41
CA THR A 210 14.11 18.03 -14.72
C THR A 210 12.64 18.00 -15.11
N LEU A 211 11.76 18.32 -14.16
CA LEU A 211 10.31 18.13 -14.31
C LEU A 211 9.56 19.29 -14.99
N SER A 212 8.55 18.93 -15.81
CA SER A 212 7.44 19.89 -16.16
C SER A 212 6.71 20.34 -14.88
N GLU A 213 5.91 21.41 -15.02
CA GLU A 213 5.09 21.93 -13.91
C GLU A 213 4.13 20.84 -13.38
N ASP A 214 3.52 20.03 -14.27
CA ASP A 214 2.59 18.94 -13.84
C ASP A 214 3.27 17.86 -12.99
N SER A 215 4.39 17.36 -13.49
CA SER A 215 5.12 16.31 -12.82
C SER A 215 5.67 16.85 -11.44
N TYR A 216 6.21 18.08 -11.48
CA TYR A 216 6.70 18.78 -10.29
C TYR A 216 5.64 18.81 -9.19
N LYS A 217 4.40 19.19 -9.53
CA LYS A 217 3.29 19.09 -8.56
C LYS A 217 3.05 17.67 -8.02
N ASP A 218 3.00 16.61 -8.85
CA ASP A 218 2.75 15.25 -8.19
CA ASP A 218 2.87 15.22 -8.37
C ASP A 218 3.96 14.77 -7.34
N SER A 219 5.23 15.11 -7.68
CA SER A 219 6.36 14.66 -6.85
C SER A 219 6.38 15.42 -5.49
N THR A 220 6.12 16.74 -5.58
CA THR A 220 6.26 17.57 -4.36
C THR A 220 5.17 17.20 -3.34
N LEU A 221 4.04 16.76 -3.84
CA LEU A 221 2.97 16.32 -2.91
C LEU A 221 3.43 15.15 -1.96
N ILE A 222 4.08 14.16 -2.55
CA ILE A 222 4.49 13.01 -1.67
C ILE A 222 5.77 13.36 -0.92
N MET A 223 6.61 14.18 -1.56
CA MET A 223 7.73 14.78 -0.77
C MET A 223 7.26 15.44 0.53
N GLN A 224 6.15 16.22 0.49
CA GLN A 224 5.63 16.78 1.69
C GLN A 224 5.23 15.75 2.75
N LEU A 225 4.72 14.58 2.36
CA LEU A 225 4.39 13.57 3.39
C LEU A 225 5.69 13.00 4.02
N LEU A 226 6.78 12.93 3.21
CA LEU A 226 8.12 12.47 3.71
C LEU A 226 8.56 13.47 4.78
N ARG A 227 8.42 14.74 4.42
CA ARG A 227 8.75 15.80 5.38
C ARG A 227 7.90 15.81 6.63
N ASP A 228 6.58 15.61 6.49
CA ASP A 228 5.72 15.48 7.64
C ASP A 228 6.20 14.39 8.61
N ASN A 229 6.57 13.20 8.09
CA ASN A 229 6.95 12.13 8.99
C ASN A 229 8.31 12.47 9.63
N LEU A 230 9.25 13.03 8.87
CA LEU A 230 10.56 13.38 9.44
C LEU A 230 10.35 14.39 10.61
N THR A 231 9.44 15.34 10.42
CA THR A 231 9.10 16.33 11.46
C THR A 231 8.50 15.69 12.69
N LEU A 232 7.63 14.67 12.47
CA LEU A 232 6.98 13.98 13.53
C LEU A 232 8.01 13.13 14.31
N TRP A 233 8.97 12.55 13.60
CA TRP A 233 9.82 11.55 14.19
C TRP A 233 11.12 12.13 14.75
N THR A 234 11.43 13.38 14.44
CA THR A 234 12.72 13.96 14.88
C THR A 234 12.52 15.23 15.73
N LYS B 1 0.30 14.45 15.20
CA LYS B 1 -0.72 13.82 14.30
C LYS B 1 -0.39 12.32 14.02
N ARG B 2 -1.06 11.75 13.02
CA ARG B 2 -0.74 10.38 12.61
C ARG B 2 0.29 10.48 11.47
N ARG B 3 1.33 9.61 11.51
CA ARG B 3 2.33 9.60 10.42
C ARG B 3 1.64 9.32 9.06
N LYS B 4 2.24 9.74 7.96
CA LYS B 4 1.60 9.64 6.66
C LYS B 4 2.02 8.36 5.95
N SEP B 5 1.08 7.76 5.26
CA SEP B 5 1.43 6.75 4.29
CB SEP B 5 1.10 5.31 4.79
OG SEP B 5 -0.29 5.25 5.05
C SEP B 5 0.62 7.04 3.01
O SEP B 5 -0.26 7.92 3.02
P SEP B 5 -0.85 3.78 5.43
O1P SEP B 5 -2.37 4.07 5.58
O2P SEP B 5 -0.51 2.83 4.18
O3P SEP B 5 -0.27 3.25 6.80
N VAL B 6 0.88 6.37 1.92
CA VAL B 6 0.12 6.71 0.67
C VAL B 6 -0.16 5.54 -0.21
C1 0V4 C . -2.40 9.60 -9.59
O1 0V4 C . -1.80 9.74 -8.29
C2 0V4 C . -2.54 10.97 -10.28
O2 0V4 C . -1.25 11.46 -10.62
C3 0V4 C . -3.26 11.96 -9.34
O3 0V4 C . -3.54 13.15 -10.05
C4 0V4 C . -4.62 11.44 -8.93
O4 0V4 C . -5.25 12.12 -7.82
C5 0V4 C . -4.62 9.97 -8.61
O5 0V4 C . -3.71 9.15 -9.31
C6 0V4 C . -5.93 9.50 -9.21
O6 0V4 C . -6.50 8.88 -8.10
OAA 0V4 C . 0.91 2.52 -4.44
CAB 0V4 C . 1.04 7.31 -7.19
CAC 0V4 C . 0.87 7.16 -5.65
CAD 0V4 C . -0.09 6.07 -5.21
CAE 0V4 C . -1.44 6.07 -5.30
CAF 0V4 C . -2.44 7.05 -5.86
CAG 0V4 C . -1.83 8.37 -6.33
CAH 0V4 C . -1.22 8.53 -7.70
CAI 0V4 C . 0.33 8.60 -7.69
CAJ 0V4 C . -3.38 7.52 -4.74
CAK 0V4 C . -2.71 8.77 -4.20
CAL 0V4 C . -1.95 9.30 -5.39
CAM 0V4 C . 2.19 6.73 -4.96
CAN 0V4 C . 2.11 5.18 -4.83
CAO 0V4 C . 0.62 4.89 -4.60
CAP 0V4 C . 0.17 3.53 -5.19
CAQ 0V4 C . 0.63 6.06 -8.08
OAR 0V4 C . 0.76 8.84 -9.05
CAT 0V4 C . -1.41 10.73 -5.42
CAU 0V4 C . -0.33 10.90 -4.31
CAV 0V4 C . -2.53 11.77 -5.15
CAW 0V4 C . -3.28 6.30 -6.92
CBI 0V4 C . 0.74 1.16 -4.99
MG MG D . 3.61 -8.03 -19.21
MG MG E . -15.19 -8.92 -23.30
#